data_1AVE
#
_entry.id   1AVE
#
_cell.length_a   80.150
_cell.length_b   80.150
_cell.length_c   85.280
_cell.angle_alpha   90.00
_cell.angle_beta   90.00
_cell.angle_gamma   90.00
#
_symmetry.space_group_name_H-M   'P 42 21 2'
#
loop_
_entity.id
_entity.type
_entity.pdbx_description
1 polymer AVIDIN
2 non-polymer 2-acetamido-2-deoxy-beta-D-glucopyranose
3 water water
#
_entity_poly.entity_id   1
_entity_poly.type   'polypeptide(L)'
_entity_poly.pdbx_seq_one_letter_code
;ARKCSLTGKWTNDLGSNMTIGAVNSRGEFTGTYTTAVTATSNEIKESPLHGTENTINKRTQPTFGFTVNWKFSESTTVFT
GQCFIDRNGKEVLKTMWLLRSSVNDIGDDWKATRVGINIFTRLRTQKE
;
_entity_poly.pdbx_strand_id   A,B
#
loop_
_chem_comp.id
_chem_comp.type
_chem_comp.name
_chem_comp.formula
NAG D-saccharide, beta linking 2-acetamido-2-deoxy-beta-D-glucopyranose 'C8 H15 N O6'
#
# COMPACT_ATOMS: atom_id res chain seq x y z
N LYS A 3 6.02 18.95 -16.47
CA LYS A 3 7.14 18.05 -16.62
C LYS A 3 6.72 16.58 -16.68
N CYS A 4 6.24 16.05 -15.56
CA CYS A 4 5.79 14.67 -15.40
C CYS A 4 4.70 14.36 -16.46
N SER A 5 5.04 13.56 -17.46
CA SER A 5 4.10 13.22 -18.53
C SER A 5 3.70 11.77 -18.48
N LEU A 6 2.45 11.48 -18.28
CA LEU A 6 2.07 10.07 -18.24
C LEU A 6 2.43 9.31 -19.52
N THR A 7 2.38 10.07 -20.61
CA THR A 7 2.62 9.52 -21.92
C THR A 7 3.86 8.70 -22.06
N GLY A 8 3.73 7.50 -22.64
CA GLY A 8 4.88 6.63 -22.80
C GLY A 8 4.66 5.19 -22.33
N LYS A 9 5.77 4.59 -21.93
CA LYS A 9 5.87 3.22 -21.43
C LYS A 9 6.55 3.19 -20.06
N TRP A 10 5.89 2.47 -19.12
CA TRP A 10 6.34 2.32 -17.75
C TRP A 10 6.40 0.91 -17.35
N THR A 11 7.17 0.73 -16.30
CA THR A 11 7.28 -0.56 -15.63
C THR A 11 7.10 -0.46 -14.11
N ASN A 12 6.81 -1.59 -13.55
CA ASN A 12 6.49 -1.80 -12.15
C ASN A 12 7.51 -2.52 -11.36
N ASP A 13 7.22 -2.52 -10.09
CA ASP A 13 7.93 -3.30 -9.17
C ASP A 13 7.54 -4.75 -9.26
N LEU A 14 6.41 -5.12 -9.82
CA LEU A 14 6.23 -6.58 -9.90
C LEU A 14 6.64 -7.02 -11.29
N GLY A 15 7.06 -5.96 -12.05
CA GLY A 15 7.51 -6.16 -13.39
C GLY A 15 6.39 -6.00 -14.40
N SER A 16 5.33 -5.40 -13.98
CA SER A 16 4.24 -5.16 -14.94
C SER A 16 4.57 -3.95 -15.81
N ASN A 17 4.07 -3.99 -17.02
CA ASN A 17 4.37 -2.90 -17.98
C ASN A 17 3.10 -2.25 -18.41
N MET A 18 3.19 -0.96 -18.76
CA MET A 18 2.02 -0.24 -19.22
C MET A 18 2.38 0.85 -20.20
N THR A 19 1.57 0.94 -21.24
CA THR A 19 1.76 1.89 -22.29
C THR A 19 0.60 2.83 -22.38
N ILE A 20 1.02 4.06 -22.29
CA ILE A 20 0.08 5.12 -22.25
C ILE A 20 0.15 6.12 -23.37
N GLY A 21 -1.00 6.25 -24.05
CA GLY A 21 -1.20 7.14 -25.17
C GLY A 21 -0.88 8.56 -24.82
N ALA A 22 -1.54 9.49 -25.54
CA ALA A 22 -1.32 10.92 -25.43
C ALA A 22 -2.47 11.51 -24.71
N VAL A 23 -2.22 12.57 -23.91
CA VAL A 23 -3.27 13.21 -23.11
C VAL A 23 -3.85 14.39 -23.81
N ASN A 24 -5.03 14.80 -23.39
CA ASN A 24 -5.76 15.93 -23.96
C ASN A 24 -5.83 17.13 -23.09
N SER A 25 -6.71 18.04 -23.58
CA SER A 25 -7.00 19.28 -22.96
C SER A 25 -7.80 18.97 -21.73
N ARG A 26 -8.63 17.91 -21.87
CA ARG A 26 -9.47 17.38 -20.79
C ARG A 26 -8.70 16.41 -19.91
N GLY A 27 -7.40 16.28 -20.22
CA GLY A 27 -6.44 15.40 -19.55
C GLY A 27 -6.64 13.88 -19.75
N GLU A 28 -7.37 13.49 -20.85
CA GLU A 28 -7.64 12.10 -21.14
C GLU A 28 -6.58 11.37 -21.84
N PHE A 29 -6.65 10.06 -21.66
CA PHE A 29 -5.64 9.17 -22.19
C PHE A 29 -6.14 7.74 -22.16
N THR A 30 -5.43 6.88 -22.85
CA THR A 30 -5.76 5.48 -23.01
C THR A 30 -4.46 4.77 -23.23
N GLY A 31 -4.45 3.46 -23.22
CA GLY A 31 -3.14 2.80 -23.34
C GLY A 31 -3.37 1.35 -23.12
N THR A 32 -2.30 0.59 -22.83
CA THR A 32 -2.48 -0.84 -22.57
C THR A 32 -1.62 -1.28 -21.42
N TYR A 33 -2.08 -2.37 -20.78
CA TYR A 33 -1.50 -2.97 -19.60
C TYR A 33 -1.17 -4.46 -19.78
N THR A 34 0.03 -4.78 -19.33
CA THR A 34 0.44 -6.13 -19.21
C THR A 34 0.91 -6.45 -17.74
N THR A 35 0.01 -7.12 -17.02
CA THR A 35 0.30 -7.42 -15.69
C THR A 35 1.14 -8.63 -15.60
N ALA A 36 2.18 -8.50 -14.79
CA ALA A 36 3.10 -9.61 -14.49
C ALA A 36 2.44 -10.72 -13.70
N VAL A 37 1.51 -10.34 -12.83
CA VAL A 37 0.85 -11.26 -11.93
C VAL A 37 -0.65 -11.14 -12.05
N THR A 38 -1.30 -12.20 -11.62
CA THR A 38 -2.75 -12.28 -11.62
C THR A 38 -3.25 -12.98 -10.37
N ALA A 39 -4.52 -12.75 -10.14
CA ALA A 39 -5.15 -13.36 -9.00
C ALA A 39 -6.09 -14.40 -9.45
N THR A 40 -6.24 -14.51 -10.78
CA THR A 40 -7.10 -15.48 -11.43
C THR A 40 -6.32 -16.57 -12.13
N SER A 41 -6.83 -17.78 -12.13
CA SER A 41 -6.22 -18.88 -12.89
C SER A 41 -6.69 -18.66 -14.25
N ASN A 42 -5.97 -17.90 -15.04
CA ASN A 42 -6.48 -17.63 -16.37
C ASN A 42 -5.56 -16.83 -17.25
N GLU A 43 -5.01 -17.46 -18.33
CA GLU A 43 -4.03 -16.90 -19.28
C GLU A 43 -4.06 -15.36 -19.48
N ILE A 44 -3.08 -14.66 -18.83
CA ILE A 44 -2.87 -13.22 -18.88
C ILE A 44 -2.83 -12.71 -20.31
N LYS A 45 -3.37 -11.52 -20.49
CA LYS A 45 -3.48 -10.84 -21.74
C LYS A 45 -3.20 -9.37 -21.57
N GLU A 46 -2.95 -8.76 -22.71
CA GLU A 46 -2.79 -7.33 -22.74
C GLU A 46 -4.20 -6.78 -22.63
N SER A 47 -4.39 -5.82 -21.74
CA SER A 47 -5.70 -5.28 -21.55
C SER A 47 -5.58 -3.80 -21.57
N PRO A 48 -6.71 -3.13 -21.86
CA PRO A 48 -6.92 -1.70 -21.97
C PRO A 48 -7.10 -0.87 -20.65
N LEU A 49 -6.74 0.41 -20.72
CA LEU A 49 -6.95 1.33 -19.67
C LEU A 49 -7.40 2.60 -20.24
N HIS A 50 -8.16 3.28 -19.42
CA HIS A 50 -8.81 4.53 -19.69
C HIS A 50 -8.58 5.33 -18.43
N GLY A 51 -8.01 6.50 -18.63
CA GLY A 51 -7.67 7.30 -17.51
C GLY A 51 -8.09 8.74 -17.60
N THR A 52 -7.28 9.55 -16.95
CA THR A 52 -7.48 10.97 -16.76
C THR A 52 -6.29 11.52 -15.97
N GLU A 53 -5.94 12.73 -16.29
CA GLU A 53 -4.87 13.36 -15.60
C GLU A 53 -5.22 14.78 -15.35
N ASN A 54 -5.15 15.06 -14.10
CA ASN A 54 -5.59 16.34 -13.65
C ASN A 54 -4.88 17.43 -14.33
N THR A 55 -5.71 18.45 -14.68
CA THR A 55 -5.34 19.73 -15.34
C THR A 55 -5.06 20.98 -14.42
N ILE A 56 -5.85 21.18 -13.35
CA ILE A 56 -5.67 22.26 -12.36
C ILE A 56 -4.19 22.45 -11.89
N ASN A 57 -3.82 23.72 -11.60
CA ASN A 57 -2.52 24.19 -11.14
C ASN A 57 -1.88 23.40 -10.00
N LYS A 58 -1.09 22.44 -10.41
CA LYS A 58 -0.30 21.56 -9.59
C LYS A 58 0.43 20.72 -10.62
N ARG A 59 0.39 21.33 -11.81
CA ARG A 59 1.04 20.94 -13.01
C ARG A 59 2.25 19.99 -12.86
N THR A 60 3.45 20.55 -12.60
CA THR A 60 4.69 19.82 -12.46
C THR A 60 4.52 18.30 -12.19
N GLN A 61 3.78 17.97 -11.12
CA GLN A 61 3.54 16.60 -10.67
C GLN A 61 2.08 16.41 -10.40
N PRO A 62 1.45 15.87 -11.37
CA PRO A 62 0.04 15.73 -11.28
C PRO A 62 -0.43 14.41 -10.68
N THR A 63 -1.66 14.40 -10.22
CA THR A 63 -2.23 13.18 -9.72
C THR A 63 -2.94 12.63 -10.91
N PHE A 64 -3.39 11.41 -10.82
CA PHE A 64 -4.01 10.84 -11.95
C PHE A 64 -4.67 9.58 -11.52
N GLY A 65 -5.29 8.89 -12.49
CA GLY A 65 -5.94 7.62 -12.22
C GLY A 65 -6.50 6.92 -13.44
N PHE A 66 -6.32 5.64 -13.47
CA PHE A 66 -6.82 4.89 -14.57
C PHE A 66 -7.58 3.66 -14.09
N THR A 67 -8.26 3.02 -15.04
CA THR A 67 -9.09 1.83 -14.84
C THR A 67 -8.58 0.91 -15.86
N VAL A 68 -8.53 -0.38 -15.49
CA VAL A 68 -8.05 -1.42 -16.36
C VAL A 68 -9.10 -2.45 -16.45
N ASN A 69 -9.47 -2.71 -17.69
CA ASN A 69 -10.44 -3.70 -18.06
C ASN A 69 -9.82 -5.03 -18.44
N TRP A 70 -9.57 -5.89 -17.48
CA TRP A 70 -9.08 -7.20 -17.77
C TRP A 70 -9.91 -7.87 -18.87
N LYS A 71 -9.17 -8.24 -19.90
CA LYS A 71 -9.72 -8.94 -21.01
C LYS A 71 -9.72 -10.40 -20.66
N PHE A 72 -9.06 -10.77 -19.55
CA PHE A 72 -8.88 -12.16 -19.21
C PHE A 72 -9.39 -12.54 -17.86
N SER A 73 -10.32 -11.78 -17.36
CA SER A 73 -10.87 -12.10 -16.07
C SER A 73 -12.10 -11.32 -15.88
N GLU A 74 -12.82 -11.63 -14.81
CA GLU A 74 -14.07 -10.93 -14.57
C GLU A 74 -13.91 -9.70 -13.71
N SER A 75 -12.70 -9.38 -13.40
CA SER A 75 -12.45 -8.26 -12.52
C SER A 75 -12.04 -6.98 -13.22
N THR A 76 -12.01 -5.99 -12.32
CA THR A 76 -11.56 -4.66 -12.62
C THR A 76 -10.58 -4.17 -11.56
N THR A 77 -9.62 -3.35 -12.01
CA THR A 77 -8.71 -2.75 -11.11
C THR A 77 -8.70 -1.29 -11.33
N VAL A 78 -8.48 -0.55 -10.25
CA VAL A 78 -8.32 0.86 -10.44
C VAL A 78 -7.14 1.38 -9.71
N PHE A 79 -6.42 2.27 -10.40
CA PHE A 79 -5.19 2.84 -9.88
C PHE A 79 -5.43 4.30 -9.82
N THR A 80 -4.74 4.97 -8.91
CA THR A 80 -4.82 6.44 -8.70
C THR A 80 -3.55 6.74 -7.99
N GLY A 81 -2.93 7.93 -8.25
CA GLY A 81 -1.64 8.25 -7.59
C GLY A 81 -1.07 9.54 -8.06
N GLN A 82 0.26 9.70 -7.87
CA GLN A 82 0.96 10.92 -8.34
C GLN A 82 2.19 10.60 -9.15
N CYS A 83 2.38 11.48 -10.15
CA CYS A 83 3.59 11.47 -10.95
C CYS A 83 4.62 12.37 -10.28
N PHE A 84 5.72 11.82 -9.78
CA PHE A 84 6.79 12.58 -9.12
C PHE A 84 8.12 12.66 -9.97
N ILE A 85 8.96 13.65 -9.59
CA ILE A 85 10.26 13.96 -10.17
C ILE A 85 11.20 14.18 -9.05
N ASP A 86 11.89 13.10 -8.66
CA ASP A 86 12.70 13.16 -7.46
C ASP A 86 13.52 14.44 -7.35
N ARG A 87 14.31 14.60 -8.42
CA ARG A 87 15.26 15.70 -8.57
C ARG A 87 15.93 15.52 -9.89
N ASN A 88 16.61 14.36 -9.97
CA ASN A 88 17.31 13.88 -11.14
C ASN A 88 16.60 14.30 -12.42
N GLY A 89 15.27 14.21 -12.33
CA GLY A 89 14.43 14.53 -13.43
C GLY A 89 13.89 13.24 -13.83
N LYS A 90 14.01 12.33 -12.81
CA LYS A 90 13.53 10.96 -12.84
C LYS A 90 12.06 10.99 -12.45
N GLU A 91 11.23 10.45 -13.29
CA GLU A 91 9.83 10.44 -12.98
C GLU A 91 9.54 9.14 -12.28
N VAL A 92 8.55 9.19 -11.35
CA VAL A 92 8.07 8.02 -10.62
C VAL A 92 6.59 8.07 -10.40
N LEU A 93 5.92 6.99 -10.70
CA LEU A 93 4.52 6.99 -10.47
C LEU A 93 4.36 6.31 -9.16
N LYS A 94 3.67 6.92 -8.25
CA LYS A 94 3.43 6.24 -7.02
C LYS A 94 1.98 6.06 -7.01
N THR A 95 1.59 4.78 -7.09
CA THR A 95 0.18 4.46 -7.19
C THR A 95 -0.17 3.42 -6.23
N MET A 96 -1.44 3.40 -5.93
CA MET A 96 -2.13 2.52 -5.01
C MET A 96 -3.42 2.07 -5.72
N TRP A 97 -3.78 0.83 -5.58
CA TRP A 97 -4.88 0.37 -6.37
C TRP A 97 -5.74 -0.55 -5.53
N LEU A 98 -6.96 -0.77 -6.13
CA LEU A 98 -8.15 -1.50 -5.70
C LEU A 98 -8.54 -2.54 -6.77
N LEU A 99 -8.54 -3.78 -6.37
CA LEU A 99 -8.90 -4.82 -7.31
C LEU A 99 -10.25 -5.43 -6.95
N ARG A 100 -11.26 -5.29 -7.81
CA ARG A 100 -12.60 -5.81 -7.51
C ARG A 100 -12.82 -7.10 -8.19
N SER A 101 -13.21 -8.10 -7.47
CA SER A 101 -13.53 -9.41 -8.04
C SER A 101 -15.02 -9.57 -8.19
N SER A 102 -15.45 -10.53 -9.02
CA SER A 102 -16.87 -10.76 -9.16
C SER A 102 -17.39 -11.74 -8.17
N VAL A 103 -18.53 -11.43 -7.63
CA VAL A 103 -19.25 -12.24 -6.70
C VAL A 103 -20.64 -12.50 -7.21
N ASN A 104 -21.32 -13.60 -6.77
CA ASN A 104 -22.66 -13.89 -7.35
C ASN A 104 -23.93 -13.39 -6.69
N ASP A 105 -23.79 -12.86 -5.46
CA ASP A 105 -24.89 -12.32 -4.67
C ASP A 105 -24.36 -11.12 -3.87
N ILE A 106 -25.08 -9.99 -3.82
CA ILE A 106 -24.67 -8.81 -3.03
C ILE A 106 -24.10 -9.26 -1.67
N GLY A 107 -24.62 -10.41 -1.17
CA GLY A 107 -24.31 -11.03 0.15
C GLY A 107 -22.87 -11.21 0.40
N ASP A 108 -22.21 -11.42 -0.70
CA ASP A 108 -20.82 -11.64 -0.66
C ASP A 108 -19.97 -10.39 -0.76
N ASP A 109 -20.57 -9.33 -1.23
CA ASP A 109 -19.90 -8.11 -1.52
C ASP A 109 -18.72 -7.80 -0.61
N TRP A 110 -18.95 -8.13 0.65
CA TRP A 110 -18.07 -7.84 1.73
C TRP A 110 -16.61 -8.14 1.48
N LYS A 111 -16.33 -9.27 0.79
CA LYS A 111 -14.95 -9.70 0.55
C LYS A 111 -14.42 -9.53 -0.85
N ALA A 112 -15.06 -8.70 -1.67
CA ALA A 112 -14.66 -8.60 -3.02
C ALA A 112 -13.59 -7.58 -3.32
N THR A 113 -13.08 -6.94 -2.27
CA THR A 113 -12.10 -5.89 -2.55
C THR A 113 -10.75 -6.01 -1.88
N ARG A 114 -9.71 -6.03 -2.69
CA ARG A 114 -8.32 -6.13 -2.31
C ARG A 114 -7.66 -4.76 -2.56
N VAL A 115 -6.57 -4.41 -1.80
CA VAL A 115 -5.90 -3.12 -1.93
C VAL A 115 -4.39 -3.30 -1.91
N GLY A 116 -3.63 -2.28 -2.27
CA GLY A 116 -2.21 -2.38 -2.25
C GLY A 116 -1.57 -1.30 -3.10
N ILE A 117 -0.24 -1.43 -3.31
CA ILE A 117 0.51 -0.47 -4.12
C ILE A 117 1.18 -0.96 -5.39
N ASN A 118 1.92 -0.01 -5.96
CA ASN A 118 2.69 -0.14 -7.17
C ASN A 118 3.53 1.09 -7.49
N ILE A 119 4.76 0.79 -7.89
CA ILE A 119 5.74 1.76 -8.28
C ILE A 119 6.08 1.64 -9.74
N PHE A 120 6.03 2.79 -10.42
CA PHE A 120 6.32 2.79 -11.83
C PHE A 120 7.45 3.75 -12.21
N THR A 121 8.36 3.24 -13.02
CA THR A 121 9.40 4.11 -13.52
C THR A 121 9.47 3.74 -14.96
N ARG A 122 10.09 4.59 -15.83
CA ARG A 122 10.12 4.28 -17.27
C ARG A 122 11.22 3.46 -17.79
N LEU A 123 10.78 2.93 -18.97
CA LEU A 123 11.43 2.00 -19.90
C LEU A 123 12.36 2.59 -20.98
N ARG A 124 13.68 2.18 -20.94
CA ARG A 124 14.70 2.64 -21.87
C ARG A 124 14.37 2.32 -23.31
N THR A 125 15.13 2.90 -24.24
CA THR A 125 14.91 2.71 -25.65
C THR A 125 13.54 3.23 -26.08
N LYS B 3 10.32 -20.11 13.21
CA LYS B 3 11.39 -19.30 12.58
C LYS B 3 11.23 -17.81 12.77
N CYS B 4 10.31 -17.15 11.99
CA CYS B 4 10.16 -15.72 12.14
C CYS B 4 9.41 -15.17 13.31
N SER B 5 10.06 -14.34 14.12
CA SER B 5 9.44 -13.88 15.36
C SER B 5 9.33 -12.39 15.46
N LEU B 6 8.25 -11.96 16.13
CA LEU B 6 7.99 -10.53 16.32
C LEU B 6 8.96 -9.86 17.27
N THR B 7 9.32 -10.59 18.29
CA THR B 7 10.21 -10.09 19.29
C THR B 7 11.47 -9.40 18.74
N GLY B 8 11.59 -8.08 19.21
CA GLY B 8 12.79 -7.29 18.89
C GLY B 8 12.60 -5.84 18.55
N LYS B 9 13.68 -5.32 18.02
CA LYS B 9 13.75 -3.97 17.51
C LYS B 9 13.61 -4.12 15.99
N TRP B 10 12.82 -3.23 15.37
CA TRP B 10 12.57 -3.22 13.92
C TRP B 10 12.56 -1.81 13.50
N THR B 11 12.98 -1.67 12.27
CA THR B 11 12.95 -0.39 11.59
C THR B 11 12.26 -0.63 10.23
N ASN B 12 11.59 0.44 9.75
CA ASN B 12 10.82 0.41 8.53
C ASN B 12 11.26 1.48 7.62
N ASP B 13 11.00 1.28 6.35
CA ASP B 13 11.31 2.18 5.23
C ASP B 13 11.05 3.69 5.37
N LEU B 14 10.68 4.21 6.53
CA LEU B 14 10.34 5.61 6.69
C LEU B 14 11.05 6.16 7.87
N GLY B 15 11.93 5.34 8.36
CA GLY B 15 12.73 5.72 9.48
C GLY B 15 12.05 5.53 10.79
N SER B 16 10.84 4.91 10.80
CA SER B 16 10.25 4.71 12.12
C SER B 16 10.76 3.44 12.73
N ASN B 17 10.91 3.42 14.05
CA ASN B 17 11.36 2.21 14.74
C ASN B 17 10.30 1.72 15.73
N MET B 18 10.22 0.41 15.93
CA MET B 18 9.37 -0.01 17.01
C MET B 18 9.98 -1.18 17.69
N THR B 19 9.46 -1.47 18.81
CA THR B 19 10.00 -2.55 19.57
C THR B 19 8.92 -3.37 20.23
N ILE B 20 9.05 -4.65 19.95
CA ILE B 20 8.14 -5.68 20.43
C ILE B 20 8.77 -6.51 21.57
N GLY B 21 8.03 -7.39 22.19
CA GLY B 21 8.70 -8.15 23.21
C GLY B 21 7.93 -9.43 23.55
N ALA B 22 6.89 -9.21 24.32
CA ALA B 22 6.04 -10.29 24.76
C ALA B 22 5.61 -11.17 23.63
N VAL B 23 5.17 -12.34 24.01
CA VAL B 23 4.51 -13.21 23.11
C VAL B 23 4.09 -14.49 23.82
N ASN B 24 2.98 -14.36 24.48
CA ASN B 24 2.38 -15.46 25.13
C ASN B 24 2.27 -16.64 24.22
N SER B 25 1.76 -17.67 24.83
CA SER B 25 1.40 -18.84 24.15
C SER B 25 0.08 -18.51 23.42
N ARG B 26 -0.49 -17.31 23.74
CA ARG B 26 -1.71 -16.77 23.11
C ARG B 26 -1.36 -16.12 21.77
N GLY B 27 -0.38 -15.26 21.85
CA GLY B 27 0.09 -14.58 20.69
C GLY B 27 0.08 -13.08 20.93
N GLU B 28 -0.32 -12.75 22.13
CA GLU B 28 -0.37 -11.38 22.56
C GLU B 28 1.01 -10.83 22.81
N PHE B 29 1.18 -9.53 22.50
CA PHE B 29 2.40 -8.76 22.69
C PHE B 29 2.06 -7.29 22.78
N THR B 30 2.90 -6.58 23.52
CA THR B 30 2.81 -5.13 23.70
C THR B 30 4.15 -4.65 23.26
N GLY B 31 4.27 -3.32 23.05
CA GLY B 31 5.56 -2.83 22.65
C GLY B 31 5.47 -1.36 22.54
N THR B 32 6.56 -0.73 22.09
CA THR B 32 6.51 0.72 21.90
C THR B 32 6.89 0.92 20.49
N TYR B 33 6.42 2.03 19.96
CA TYR B 33 6.61 2.46 18.61
C TYR B 33 6.97 3.94 18.59
N THR B 34 8.06 4.21 17.90
CA THR B 34 8.53 5.57 17.68
C THR B 34 8.53 5.87 16.19
N THR B 35 7.53 6.67 15.79
CA THR B 35 7.31 7.02 14.38
C THR B 35 8.15 8.16 14.04
N ALA B 36 8.61 8.12 12.81
CA ALA B 36 9.42 9.18 12.28
C ALA B 36 8.53 10.26 11.74
N VAL B 37 7.38 9.79 11.30
CA VAL B 37 6.45 10.65 10.63
C VAL B 37 5.14 10.88 11.42
N THR B 38 4.36 11.91 10.91
CA THR B 38 3.00 12.35 11.35
C THR B 38 2.11 13.20 10.44
N ALA B 39 0.80 13.04 10.74
CA ALA B 39 -0.26 13.76 10.02
C ALA B 39 -0.74 14.98 10.80
N THR B 40 -0.30 14.96 12.07
CA THR B 40 -0.56 15.94 13.10
C THR B 40 0.64 16.87 13.36
N SER B 41 0.34 18.03 13.92
CA SER B 41 1.28 19.08 14.19
C SER B 41 1.64 19.15 15.64
N ASN B 42 1.84 17.99 16.25
CA ASN B 42 2.29 17.97 17.64
C ASN B 42 3.51 17.07 17.84
N GLU B 43 4.60 17.55 18.47
CA GLU B 43 5.79 16.73 18.73
C GLU B 43 5.48 15.26 19.14
N ILE B 44 6.10 14.39 18.40
CA ILE B 44 5.96 12.99 18.50
C ILE B 44 6.53 12.50 19.80
N LYS B 45 5.87 11.52 20.35
CA LYS B 45 6.28 10.92 21.58
C LYS B 45 6.12 9.41 21.46
N GLU B 46 7.09 8.65 21.96
CA GLU B 46 6.99 7.18 22.01
C GLU B 46 5.53 6.80 22.34
N SER B 47 5.00 5.79 21.60
CA SER B 47 3.67 5.30 21.92
C SER B 47 3.57 3.79 22.08
N PRO B 48 2.56 3.33 22.75
CA PRO B 48 2.50 1.87 23.03
C PRO B 48 1.65 1.07 22.08
N LEU B 49 2.02 -0.14 21.95
CA LEU B 49 1.26 -0.89 21.06
C LEU B 49 0.88 -2.22 21.67
N HIS B 50 -0.26 -2.68 21.17
CA HIS B 50 -0.85 -3.95 21.54
C HIS B 50 -1.12 -4.78 20.34
N GLY B 51 -0.60 -6.03 20.35
CA GLY B 51 -0.76 -6.94 19.24
C GLY B 51 -0.92 -8.44 19.54
N THR B 52 -1.07 -9.15 18.44
CA THR B 52 -1.29 -10.58 18.44
C THR B 52 -0.67 -11.23 17.24
N GLU B 53 -0.31 -12.50 17.46
CA GLU B 53 0.32 -13.40 16.53
C GLU B 53 -0.53 -14.67 16.36
N ASN B 54 -0.67 -15.07 15.10
CA ASN B 54 -1.48 -16.24 14.82
C ASN B 54 -0.62 -17.48 15.00
N THR B 55 -1.17 -18.44 15.73
CA THR B 55 -0.43 -19.62 16.03
C THR B 55 -1.14 -20.84 15.58
N ILE B 56 -2.12 -20.63 14.70
CA ILE B 56 -2.94 -21.70 14.13
C ILE B 56 -2.18 -22.36 13.01
N ASN B 57 -1.79 -23.63 13.24
CA ASN B 57 -1.02 -24.35 12.23
C ASN B 57 0.31 -23.64 12.18
N LYS B 58 0.86 -23.49 13.39
CA LYS B 58 2.12 -22.82 13.64
C LYS B 58 3.04 -22.73 12.46
N ARG B 59 2.84 -21.68 11.66
CA ARG B 59 3.70 -21.42 10.51
C ARG B 59 4.93 -20.63 10.89
N THR B 60 5.96 -20.89 10.10
CA THR B 60 7.29 -20.26 10.14
C THR B 60 7.26 -18.78 9.76
N GLN B 61 6.11 -18.40 9.20
CA GLN B 61 5.77 -17.05 8.80
C GLN B 61 4.33 -16.68 9.24
N PRO B 62 4.09 -16.47 10.49
CA PRO B 62 2.71 -16.19 10.89
C PRO B 62 2.21 -14.82 10.49
N THR B 63 0.87 -14.63 10.48
CA THR B 63 0.40 -13.27 10.22
C THR B 63 0.23 -12.61 11.58
N PHE B 64 0.03 -11.30 11.57
CA PHE B 64 -0.13 -10.67 12.84
C PHE B 64 -0.89 -9.39 12.67
N GLY B 65 -1.00 -8.61 13.73
CA GLY B 65 -1.58 -7.31 13.69
C GLY B 65 -1.51 -6.56 15.01
N PHE B 66 -1.28 -5.27 14.94
CA PHE B 66 -1.20 -4.47 16.12
C PHE B 66 -1.81 -3.10 16.01
N THR B 67 -2.14 -2.57 17.15
CA THR B 67 -2.75 -1.28 17.25
C THR B 67 -1.82 -0.35 18.05
N VAL B 68 -1.52 0.82 17.49
CA VAL B 68 -0.66 1.85 18.05
C VAL B 68 -1.55 2.96 18.54
N ASN B 69 -1.57 3.09 19.84
CA ASN B 69 -2.33 4.12 20.50
C ASN B 69 -1.48 5.37 20.67
N TRP B 70 -1.50 6.20 19.64
CA TRP B 70 -0.74 7.43 19.61
C TRP B 70 -0.87 8.22 20.90
N LYS B 71 0.30 8.59 21.45
CA LYS B 71 0.32 9.41 22.67
C LYS B 71 0.24 10.90 22.38
N PHE B 72 0.71 11.30 21.23
CA PHE B 72 0.70 12.71 20.93
C PHE B 72 -0.49 13.18 20.14
N SER B 73 -1.48 12.32 19.88
CA SER B 73 -2.60 12.62 18.97
C SER B 73 -3.92 12.10 19.43
N GLU B 74 -4.97 12.52 18.76
CA GLU B 74 -6.19 11.86 19.17
C GLU B 74 -6.50 10.71 18.20
N SER B 75 -5.48 10.25 17.41
CA SER B 75 -5.78 9.22 16.41
C SER B 75 -5.24 7.91 16.72
N THR B 76 -5.66 6.97 15.86
CA THR B 76 -5.27 5.59 16.03
C THR B 76 -4.83 4.94 14.75
N THR B 77 -3.84 4.02 14.84
CA THR B 77 -3.37 3.30 13.69
C THR B 77 -3.41 1.80 13.89
N VAL B 78 -3.79 1.06 12.89
CA VAL B 78 -3.77 -0.36 13.03
C VAL B 78 -2.98 -0.87 11.86
N PHE B 79 -2.18 -1.90 12.11
CA PHE B 79 -1.34 -2.60 11.13
C PHE B 79 -1.61 -4.13 11.10
N THR B 80 -1.41 -4.74 9.94
CA THR B 80 -1.46 -6.19 9.85
C THR B 80 -0.52 -6.48 8.72
N GLY B 81 -0.02 -7.72 8.84
CA GLY B 81 0.89 -8.29 7.91
C GLY B 81 1.35 -9.64 8.29
N GLN B 82 2.40 -10.00 7.62
CA GLN B 82 3.06 -11.26 7.80
C GLN B 82 4.58 -11.04 8.03
N CYS B 83 5.14 -12.04 8.68
CA CYS B 83 6.54 -12.08 8.99
C CYS B 83 7.10 -13.14 8.07
N PHE B 84 7.90 -12.73 7.15
CA PHE B 84 8.42 -13.72 6.28
C PHE B 84 9.93 -13.86 6.50
N ILE B 85 10.37 -15.01 6.04
CA ILE B 85 11.77 -15.32 5.98
C ILE B 85 12.20 -15.17 4.53
N ASP B 86 12.90 -14.10 4.29
CA ASP B 86 13.38 -13.80 2.99
C ASP B 86 14.52 -14.74 2.69
N ARG B 87 14.88 -14.79 1.38
CA ARG B 87 15.90 -15.68 0.86
C ARG B 87 17.24 -15.47 1.48
N ASN B 88 17.55 -14.22 1.71
CA ASN B 88 18.78 -13.91 2.35
C ASN B 88 18.89 -14.67 3.67
N GLY B 89 17.73 -15.05 4.18
CA GLY B 89 17.62 -15.66 5.51
C GLY B 89 17.03 -14.64 6.49
N LYS B 90 16.86 -13.43 6.00
CA LYS B 90 16.30 -12.34 6.78
C LYS B 90 14.80 -12.27 6.81
N GLU B 91 14.37 -11.98 8.01
CA GLU B 91 13.03 -11.72 8.44
C GLU B 91 12.67 -10.38 7.89
N VAL B 92 11.48 -10.26 7.32
CA VAL B 92 10.91 -9.02 6.77
C VAL B 92 9.46 -8.93 7.19
N LEU B 93 9.04 -7.79 7.76
CA LEU B 93 7.63 -7.58 8.10
C LEU B 93 6.97 -6.77 7.00
N LYS B 94 6.06 -7.40 6.30
CA LYS B 94 5.37 -6.72 5.23
C LYS B 94 4.08 -6.38 5.80
N THR B 95 3.77 -5.12 5.75
CA THR B 95 2.68 -4.62 6.49
C THR B 95 1.80 -3.61 5.75
N MET B 96 0.62 -3.44 6.27
CA MET B 96 -0.32 -2.53 5.65
C MET B 96 -1.12 -1.86 6.76
N TRP B 97 -1.59 -0.64 6.55
CA TRP B 97 -2.29 0.03 7.66
C TRP B 97 -3.44 1.00 7.33
N LEU B 98 -4.17 1.28 8.39
CA LEU B 98 -5.23 2.26 8.38
C LEU B 98 -4.94 3.22 9.46
N LEU B 99 -5.01 4.48 9.12
CA LEU B 99 -4.78 5.48 10.10
C LEU B 99 -6.02 6.27 10.23
N ARG B 100 -6.71 6.08 11.35
CA ARG B 100 -7.99 6.67 11.68
C ARG B 100 -7.86 7.85 12.60
N SER B 101 -8.47 8.91 12.18
CA SER B 101 -8.45 10.12 12.95
C SER B 101 -9.83 10.57 13.35
N SER B 102 -9.88 11.51 14.28
CA SER B 102 -11.13 11.93 14.86
C SER B 102 -11.88 13.03 14.11
N VAL B 103 -13.20 12.86 13.90
CA VAL B 103 -13.98 13.93 13.33
C VAL B 103 -14.92 14.37 14.41
N ASN B 104 -15.38 15.62 14.34
CA ASN B 104 -16.28 16.12 15.37
C ASN B 104 -17.73 15.72 15.09
N ASP B 105 -18.01 15.17 13.93
CA ASP B 105 -19.37 14.85 13.60
C ASP B 105 -19.45 13.71 12.62
N ILE B 106 -20.40 12.86 12.90
CA ILE B 106 -20.56 11.63 12.14
C ILE B 106 -20.90 11.78 10.64
N GLY B 107 -20.96 13.03 10.25
CA GLY B 107 -21.28 13.41 8.89
C GLY B 107 -19.98 13.51 8.19
N ASP B 108 -18.90 13.60 8.97
CA ASP B 108 -17.58 13.69 8.38
C ASP B 108 -16.83 12.38 8.41
N ASP B 109 -17.53 11.33 8.78
CA ASP B 109 -16.87 10.05 8.85
C ASP B 109 -16.14 9.66 7.57
N TRP B 110 -16.85 9.81 6.49
CA TRP B 110 -16.34 9.34 5.26
C TRP B 110 -15.00 9.83 4.91
N LYS B 111 -14.51 10.84 5.61
CA LYS B 111 -13.21 11.29 5.17
C LYS B 111 -12.13 11.10 6.18
N ALA B 112 -12.40 10.27 7.16
CA ALA B 112 -11.43 10.04 8.22
C ALA B 112 -10.36 8.91 8.14
N THR B 113 -10.42 7.99 7.20
CA THR B 113 -9.45 6.90 7.26
C THR B 113 -8.46 6.87 6.12
N ARG B 114 -7.16 6.86 6.47
CA ARG B 114 -6.08 6.77 5.49
C ARG B 114 -5.61 5.34 5.43
N VAL B 115 -4.94 5.00 4.34
CA VAL B 115 -4.50 3.62 4.16
C VAL B 115 -3.15 3.62 3.50
N GLY B 116 -2.27 2.72 3.90
CA GLY B 116 -0.97 2.70 3.30
C GLY B 116 -0.29 1.41 3.66
N ILE B 117 1.03 1.33 3.34
CA ILE B 117 1.94 0.19 3.47
C ILE B 117 3.15 0.58 4.35
N ASN B 118 3.89 -0.45 4.82
CA ASN B 118 5.21 -0.40 5.59
C ASN B 118 5.93 -1.75 5.62
N ILE B 119 7.23 -1.71 5.33
CA ILE B 119 8.08 -2.88 5.36
C ILE B 119 9.09 -2.71 6.42
N PHE B 120 9.02 -3.65 7.36
CA PHE B 120 9.89 -3.70 8.52
C PHE B 120 11.01 -4.71 8.40
N THR B 121 12.06 -4.26 8.99
CA THR B 121 13.28 -5.02 8.95
C THR B 121 13.98 -5.06 10.33
N ARG B 122 14.92 -6.01 10.51
CA ARG B 122 15.52 -6.02 11.83
C ARG B 122 16.56 -5.00 12.02
N LEU B 123 16.44 -4.24 13.10
CA LEU B 123 17.39 -3.18 13.45
C LEU B 123 18.65 -3.71 14.15
N ARG B 124 18.41 -4.60 15.13
CA ARG B 124 19.46 -5.26 15.87
C ARG B 124 20.51 -5.77 14.91
N THR B 125 21.74 -5.74 15.37
CA THR B 125 22.86 -6.22 14.58
C THR B 125 23.30 -7.60 15.04
C1 NAG C . 8.18 -5.66 -19.66
C2 NAG C . 8.10 -7.16 -19.96
C3 NAG C . 9.47 -7.80 -19.89
C4 NAG C . 10.47 -7.13 -20.83
C5 NAG C . 10.46 -5.62 -20.56
C6 NAG C . 11.37 -4.81 -21.45
C7 NAG C . 5.95 -7.92 -19.07
C8 NAG C . 5.30 -8.77 -17.92
N2 NAG C . 7.28 -7.88 -18.99
O3 NAG C . 9.40 -9.18 -20.26
O4 NAG C . 11.65 -7.91 -20.72
O5 NAG C . 9.11 -5.07 -20.58
O6 NAG C . 12.38 -5.56 -22.11
O7 NAG C . 5.34 -7.32 -19.95
C1 NAG D . 14.68 5.51 15.28
C2 NAG D . 14.10 6.87 15.61
C3 NAG D . 15.12 7.94 15.29
C4 NAG D . 16.35 7.74 16.15
C5 NAG D . 16.88 6.32 15.90
C6 NAG D . 18.09 5.96 16.74
C7 NAG D . 12.14 8.10 14.89
C8 NAG D . 11.92 9.23 13.82
N2 NAG D . 13.14 7.24 14.60
O3 NAG D . 14.59 9.20 15.70
O4 NAG D . 17.29 8.77 15.89
O5 NAG D . 15.86 5.29 16.05
O6 NAG D . 18.18 6.64 17.97
O7 NAG D . 11.50 8.08 15.95
#